data_8V5E
#
_entry.id   8V5E
#
_cell.length_a   43.612
_cell.length_b   70.313
_cell.length_c   171.169
_cell.angle_alpha   90.00
_cell.angle_beta   90.00
_cell.angle_gamma   90.00
#
_symmetry.space_group_name_H-M   'P 21 21 21'
#
loop_
_entity.id
_entity.type
_entity.pdbx_description
1 polymer 'Invasin IpaD'
2 non-polymer '(3ALPHA,5BETA,12ALPHA)-3,12-DIHYDROXYCHOLAN-24-OIC ACID'
3 non-polymer GLYCEROL
4 water water
#
_entity_poly.entity_id   1
_entity_poly.type   'polypeptide(L)'
_entity_poly.pdbx_seq_one_letter_code
;LDGDQMISHRELWAKIANSINDINEYLKVYEHAVSSYTQMYQDFSAVLSSLAGWISPGGNDGNSVKLQVNSLKKALEELK
EKYKDKPLYPANNTVSQEQANKWLTELGGTIGKVSQKNGGYVVSINMTPIDNMLKSLDNLGGNGEVVLDNAKYQAWNAGF
SAEDETMKNNLQTLVQKYSNANSIFDNLVKVLSSTISS
;
_entity_poly.pdbx_strand_id   A,B
#
loop_
_chem_comp.id
_chem_comp.type
_chem_comp.name
_chem_comp.formula
DXC non-polymer '(3ALPHA,5BETA,12ALPHA)-3,12-DIHYDROXYCHOLAN-24-OIC ACID' 'C24 H40 O4'
GOL non-polymer GLYCEROL 'C3 H8 O3'
#
# COMPACT_ATOMS: atom_id res chain seq x y z
N ASP A 4 16.02 -19.60 -38.27
CA ASP A 4 14.59 -19.64 -38.49
C ASP A 4 14.15 -18.55 -39.46
N GLN A 5 12.89 -18.15 -39.36
CA GLN A 5 12.37 -17.07 -40.19
C GLN A 5 12.87 -15.72 -39.68
N MET A 6 13.24 -14.86 -40.61
CA MET A 6 13.70 -13.51 -40.31
C MET A 6 12.54 -12.53 -40.44
N ILE A 7 12.43 -11.62 -39.49
CA ILE A 7 11.38 -10.61 -39.48
C ILE A 7 12.02 -9.25 -39.72
N SER A 8 11.26 -8.36 -40.37
CA SER A 8 11.74 -7.01 -40.60
C SER A 8 11.53 -6.15 -39.35
N HIS A 9 12.25 -5.02 -39.31
CA HIS A 9 12.09 -4.08 -38.21
C HIS A 9 10.66 -3.56 -38.16
N ARG A 10 10.09 -3.24 -39.33
CA ARG A 10 8.75 -2.67 -39.38
C ARG A 10 7.71 -3.64 -38.84
N GLU A 11 7.84 -4.93 -39.15
CA GLU A 11 6.90 -5.92 -38.63
C GLU A 11 7.06 -6.07 -37.12
N LEU A 12 8.29 -5.91 -36.61
CA LEU A 12 8.50 -5.92 -35.17
C LEU A 12 7.82 -4.72 -34.51
N TRP A 13 7.91 -3.54 -35.12
CA TRP A 13 7.22 -2.36 -34.59
C TRP A 13 5.72 -2.61 -34.50
N ALA A 14 5.12 -3.15 -35.57
CA ALA A 14 3.68 -3.36 -35.60
C ALA A 14 3.24 -4.36 -34.55
N LYS A 15 4.06 -5.39 -34.30
CA LYS A 15 3.74 -6.34 -33.23
C LYS A 15 3.67 -5.64 -31.88
N ILE A 16 4.65 -4.79 -31.60
CA ILE A 16 4.65 -4.04 -30.34
C ILE A 16 3.51 -3.03 -30.33
N ALA A 17 3.25 -2.39 -31.46
CA ALA A 17 2.23 -1.35 -31.51
C ALA A 17 0.84 -1.90 -31.22
N ASN A 18 0.55 -3.11 -31.71
CA ASN A 18 -0.78 -3.67 -31.48
C ASN A 18 -0.96 -4.13 -30.04
N SER A 19 0.13 -4.45 -29.36
CA SER A 19 0.04 -4.72 -27.92
C SER A 19 -0.21 -3.43 -27.16
N ILE A 20 0.42 -2.34 -27.60
CA ILE A 20 0.15 -1.04 -27.01
C ILE A 20 -1.32 -0.67 -27.17
N ASN A 21 -1.87 -0.92 -28.37
CA ASN A 21 -3.28 -0.64 -28.59
C ASN A 21 -4.18 -1.57 -27.78
N ASP A 22 -3.77 -2.83 -27.60
CA ASP A 22 -4.57 -3.75 -26.78
C ASP A 22 -4.62 -3.30 -25.33
N ILE A 23 -3.47 -2.92 -24.77
CA ILE A 23 -3.45 -2.43 -23.40
C ILE A 23 -4.19 -1.10 -23.29
N ASN A 24 -4.09 -0.25 -24.32
CA ASN A 24 -4.79 1.03 -24.29
C ASN A 24 -6.30 0.84 -24.22
N GLU A 25 -6.83 -0.13 -24.97
CA GLU A 25 -8.26 -0.43 -24.87
C GLU A 25 -8.60 -0.93 -23.47
N TYR A 26 -7.71 -1.73 -22.87
CA TYR A 26 -7.90 -2.18 -21.50
C TYR A 26 -7.85 -1.01 -20.53
N LEU A 27 -6.94 -0.05 -20.76
CA LEU A 27 -6.78 1.06 -19.85
C LEU A 27 -7.98 2.01 -19.90
N LYS A 28 -8.57 2.20 -21.08
CA LYS A 28 -9.71 3.10 -21.19
C LYS A 28 -10.90 2.58 -20.40
N VAL A 29 -11.17 1.28 -20.48
CA VAL A 29 -12.26 0.71 -19.70
C VAL A 29 -11.93 0.77 -18.21
N TYR A 30 -10.69 0.43 -17.85
CA TYR A 30 -10.32 0.43 -16.44
C TYR A 30 -10.30 1.84 -15.85
N GLU A 31 -10.02 2.85 -16.68
CA GLU A 31 -9.97 4.21 -16.17
C GLU A 31 -11.35 4.75 -15.82
N HIS A 32 -12.36 4.40 -16.62
CA HIS A 32 -13.71 4.88 -16.32
C HIS A 32 -14.23 4.26 -15.03
N ALA A 33 -13.88 3.00 -14.77
CA ALA A 33 -14.27 2.38 -13.51
C ALA A 33 -13.61 3.07 -12.32
N VAL A 34 -12.38 3.54 -12.49
CA VAL A 34 -11.70 4.23 -11.41
C VAL A 34 -12.36 5.58 -11.13
N SER A 35 -12.60 6.36 -12.19
CA SER A 35 -13.23 7.67 -12.00
C SER A 35 -14.66 7.52 -11.48
N SER A 36 -15.38 6.49 -11.93
CA SER A 36 -16.74 6.27 -11.47
C SER A 36 -16.76 5.90 -9.99
N TYR A 37 -15.88 4.98 -9.57
CA TYR A 37 -15.85 4.61 -8.16
C TYR A 37 -15.26 5.71 -7.30
N THR A 38 -14.31 6.49 -7.84
CA THR A 38 -13.77 7.63 -7.09
C THR A 38 -14.86 8.67 -6.83
N GLN A 39 -15.68 8.97 -7.84
CA GLN A 39 -16.78 9.91 -7.64
C GLN A 39 -17.75 9.42 -6.58
N MET A 40 -18.03 8.12 -6.56
CA MET A 40 -18.92 7.57 -5.55
C MET A 40 -18.35 7.78 -4.15
N TYR A 41 -17.11 7.37 -3.92
CA TYR A 41 -16.54 7.50 -2.58
C TYR A 41 -16.35 8.95 -2.18
N GLN A 42 -16.11 9.84 -3.14
CA GLN A 42 -16.02 11.26 -2.83
C GLN A 42 -17.36 11.80 -2.36
N ASP A 43 -18.45 11.33 -2.96
CA ASP A 43 -19.78 11.73 -2.50
C ASP A 43 -20.09 11.11 -1.14
N PHE A 44 -19.62 9.88 -0.89
CA PHE A 44 -19.82 9.28 0.42
C PHE A 44 -19.05 10.03 1.49
N SER A 45 -17.84 10.50 1.16
CA SER A 45 -17.06 11.26 2.13
C SER A 45 -17.71 12.62 2.42
N ALA A 46 -18.51 13.13 1.48
CA ALA A 46 -19.33 14.30 1.77
C ALA A 46 -20.38 13.98 2.82
N VAL A 47 -20.94 12.76 2.78
CA VAL A 47 -21.82 12.31 3.85
C VAL A 47 -21.03 12.15 5.14
N LEU A 48 -19.79 11.68 5.04
CA LEU A 48 -18.95 11.50 6.22
C LEU A 48 -18.71 12.82 6.94
N SER A 49 -18.36 13.87 6.19
CA SER A 49 -18.07 15.15 6.81
C SER A 49 -19.31 15.77 7.45
N SER A 50 -20.50 15.44 6.96
CA SER A 50 -21.75 15.91 7.56
C SER A 50 -22.16 15.09 8.77
N LEU A 51 -21.54 13.93 9.00
CA LEU A 51 -21.91 13.11 10.14
C LEU A 51 -21.45 13.74 11.46
N ALA A 52 -20.38 14.54 11.43
CA ALA A 52 -19.92 15.19 12.64
C ALA A 52 -20.97 16.14 13.19
N GLY A 53 -21.70 16.83 12.31
CA GLY A 53 -22.77 17.70 12.74
C GLY A 53 -24.07 17.00 13.08
N TRP A 54 -24.17 15.70 12.80
CA TRP A 54 -25.37 14.94 13.07
C TRP A 54 -25.30 14.16 14.39
N ILE A 55 -24.18 14.23 15.10
CA ILE A 55 -24.05 13.63 16.43
C ILE A 55 -23.75 14.75 17.42
N SER A 56 -24.34 14.66 18.60
CA SER A 56 -24.22 15.70 19.60
C SER A 56 -24.52 15.09 20.96
N PRO A 57 -24.10 15.75 22.05
CA PRO A 57 -24.45 15.27 23.39
C PRO A 57 -25.96 15.15 23.55
N GLY A 58 -26.41 13.99 24.04
CA GLY A 58 -27.83 13.71 24.09
C GLY A 58 -28.34 13.16 25.41
N GLY A 59 -27.44 12.93 26.36
CA GLY A 59 -27.87 12.45 27.66
C GLY A 59 -28.32 13.57 28.57
N ASN A 60 -29.21 13.22 29.50
CA ASN A 60 -29.59 14.18 30.54
C ASN A 60 -28.38 14.59 31.37
N ASP A 61 -27.41 13.70 31.50
CA ASP A 61 -26.12 14.00 32.09
C ASP A 61 -25.06 14.34 31.04
N GLY A 62 -25.42 14.29 29.75
CA GLY A 62 -24.47 14.48 28.68
C GLY A 62 -23.66 13.26 28.31
N ASN A 63 -24.01 12.09 28.86
CA ASN A 63 -23.22 10.88 28.69
C ASN A 63 -23.56 10.10 27.42
N SER A 64 -24.75 10.31 26.86
CA SER A 64 -25.20 9.55 25.68
C SER A 64 -25.01 10.37 24.41
N VAL A 65 -25.27 9.71 23.27
CA VAL A 65 -25.03 10.29 21.96
C VAL A 65 -26.36 10.40 21.22
N LYS A 66 -26.65 11.60 20.73
CA LYS A 66 -27.86 11.89 19.97
C LYS A 66 -27.52 11.92 18.48
N LEU A 67 -28.08 10.99 17.70
CA LEU A 67 -27.76 10.83 16.30
C LEU A 67 -28.96 11.17 15.43
N GLN A 68 -28.74 12.00 14.41
CA GLN A 68 -29.77 12.36 13.44
C GLN A 68 -29.89 11.22 12.43
N VAL A 69 -30.57 10.15 12.86
CA VAL A 69 -30.60 8.93 12.08
C VAL A 69 -31.35 9.12 10.77
N ASN A 70 -32.34 10.02 10.73
CA ASN A 70 -33.11 10.21 9.51
C ASN A 70 -32.31 10.98 8.46
N SER A 71 -31.59 12.01 8.88
CA SER A 71 -30.75 12.75 7.94
C SER A 71 -29.65 11.86 7.36
N LEU A 72 -29.05 11.01 8.21
CA LEU A 72 -28.03 10.09 7.72
C LEU A 72 -28.63 9.06 6.77
N LYS A 73 -29.79 8.51 7.12
CA LYS A 73 -30.44 7.53 6.26
C LYS A 73 -30.79 8.12 4.90
N LYS A 74 -31.38 9.31 4.90
CA LYS A 74 -31.77 9.93 3.63
C LYS A 74 -30.56 10.26 2.77
N ALA A 75 -29.45 10.69 3.38
CA ALA A 75 -28.24 10.99 2.61
C ALA A 75 -27.68 9.74 1.95
N LEU A 76 -27.73 8.60 2.65
CA LEU A 76 -27.21 7.36 2.09
C LEU A 76 -28.10 6.85 0.97
N GLU A 77 -29.42 7.01 1.11
CA GLU A 77 -30.34 6.57 0.05
C GLU A 77 -30.22 7.45 -1.19
N GLU A 78 -29.94 8.74 -1.01
CA GLU A 78 -29.70 9.60 -2.18
C GLU A 78 -28.39 9.23 -2.87
N LEU A 79 -27.37 8.87 -2.08
CA LEU A 79 -26.12 8.40 -2.68
C LEU A 79 -26.35 7.13 -3.48
N LYS A 80 -27.13 6.20 -2.94
CA LYS A 80 -27.40 4.95 -3.65
C LYS A 80 -28.20 5.21 -4.93
N GLU A 81 -29.17 6.12 -4.87
CA GLU A 81 -30.00 6.39 -6.04
C GLU A 81 -29.24 7.21 -7.09
N LYS A 82 -28.24 7.98 -6.69
CA LYS A 82 -27.48 8.77 -7.66
C LYS A 82 -26.64 7.88 -8.58
N TYR A 83 -26.17 6.75 -8.07
CA TYR A 83 -25.28 5.88 -8.83
C TYR A 83 -25.96 4.60 -9.30
N LYS A 84 -27.29 4.54 -9.26
CA LYS A 84 -27.99 3.34 -9.73
C LYS A 84 -27.89 3.20 -11.25
N ASP A 85 -27.76 4.31 -11.97
CA ASP A 85 -27.66 4.30 -13.42
C ASP A 85 -26.29 4.79 -13.89
N LYS A 86 -25.26 4.62 -13.07
CA LYS A 86 -23.90 5.00 -13.40
C LYS A 86 -23.01 3.78 -13.20
N PRO A 87 -22.80 2.98 -14.24
CA PRO A 87 -22.07 1.72 -14.08
C PRO A 87 -20.56 1.90 -14.17
N LEU A 88 -19.85 0.92 -13.62
CA LEU A 88 -18.40 0.88 -13.77
C LEU A 88 -18.00 0.56 -15.21
N TYR A 89 -18.80 -0.25 -15.90
CA TYR A 89 -18.53 -0.66 -17.27
C TYR A 89 -19.81 -1.21 -17.86
N PRO A 90 -20.16 -0.84 -19.11
CA PRO A 90 -19.43 0.09 -19.95
C PRO A 90 -19.79 1.55 -19.70
N ALA A 91 -18.97 2.47 -20.21
CA ALA A 91 -19.22 3.90 -19.99
C ALA A 91 -20.53 4.34 -20.60
N ASN A 92 -20.99 3.66 -21.66
CA ASN A 92 -22.30 3.93 -22.22
C ASN A 92 -22.80 2.69 -22.94
N ASN A 93 -24.13 2.64 -23.12
CA ASN A 93 -24.82 1.47 -23.67
C ASN A 93 -24.62 0.25 -22.80
N THR A 94 -24.97 -0.93 -23.31
CA THR A 94 -24.92 -2.16 -22.53
C THR A 94 -23.88 -3.12 -23.14
N VAL A 95 -23.95 -4.38 -22.69
CA VAL A 95 -22.94 -5.37 -23.04
C VAL A 95 -23.49 -6.76 -22.73
N SER A 96 -22.79 -7.80 -23.18
CA SER A 96 -23.27 -9.16 -22.98
C SER A 96 -23.30 -9.52 -21.50
N GLN A 97 -23.99 -10.62 -21.21
CA GLN A 97 -23.84 -11.24 -19.90
C GLN A 97 -22.47 -11.90 -19.79
N GLU A 98 -22.00 -12.51 -20.87
CA GLU A 98 -20.62 -13.01 -20.87
C GLU A 98 -19.62 -11.88 -20.64
N GLN A 99 -19.81 -10.75 -21.32
CA GLN A 99 -18.83 -9.68 -21.29
C GLN A 99 -18.80 -8.99 -19.93
N ALA A 100 -19.97 -8.60 -19.42
CA ALA A 100 -20.05 -8.00 -18.09
C ALA A 100 -19.57 -8.96 -17.01
N ASN A 101 -19.73 -10.27 -17.21
CA ASN A 101 -19.28 -11.23 -16.21
C ASN A 101 -17.76 -11.20 -16.07
N LYS A 102 -17.04 -11.25 -17.20
CA LYS A 102 -15.59 -11.34 -17.12
C LYS A 102 -14.96 -10.01 -16.72
N TRP A 103 -15.56 -8.89 -17.14
CA TRP A 103 -15.07 -7.59 -16.68
C TRP A 103 -15.35 -7.36 -15.21
N LEU A 104 -16.36 -8.03 -14.64
CA LEU A 104 -16.52 -8.00 -13.20
C LEU A 104 -15.38 -8.76 -12.51
N THR A 105 -14.92 -9.84 -13.13
CA THR A 105 -13.80 -10.59 -12.57
C THR A 105 -12.50 -9.82 -12.69
N GLU A 106 -12.33 -9.08 -13.80
CA GLU A 106 -11.12 -8.29 -13.98
C GLU A 106 -11.04 -7.12 -13.02
N LEU A 107 -12.19 -6.61 -12.58
CA LEU A 107 -12.23 -5.50 -11.65
C LEU A 107 -12.20 -5.93 -10.19
N GLY A 108 -12.25 -7.24 -9.91
CA GLY A 108 -12.19 -7.72 -8.55
C GLY A 108 -13.39 -8.53 -8.12
N GLY A 109 -14.59 -8.06 -8.48
CA GLY A 109 -15.83 -8.70 -8.13
C GLY A 109 -16.50 -8.11 -6.90
N THR A 110 -15.72 -7.48 -6.02
CA THR A 110 -16.29 -6.85 -4.83
C THR A 110 -16.82 -5.45 -5.12
N ILE A 111 -16.20 -4.73 -6.06
CA ILE A 111 -16.58 -3.35 -6.30
C ILE A 111 -17.76 -3.21 -7.24
N GLY A 112 -18.11 -4.26 -7.99
CA GLY A 112 -19.15 -4.18 -8.98
C GLY A 112 -20.19 -5.27 -8.81
N LYS A 113 -21.27 -5.15 -9.58
CA LYS A 113 -22.29 -6.18 -9.65
C LYS A 113 -22.94 -6.13 -11.04
N VAL A 114 -23.04 -7.29 -11.69
CA VAL A 114 -23.64 -7.36 -13.01
C VAL A 114 -25.15 -7.18 -12.90
N SER A 115 -25.68 -6.22 -13.64
CA SER A 115 -27.11 -5.94 -13.65
C SER A 115 -27.60 -5.79 -15.08
N GLN A 116 -28.90 -5.94 -15.26
CA GLN A 116 -29.54 -5.86 -16.56
C GLN A 116 -30.10 -4.46 -16.79
N LYS A 117 -29.99 -3.99 -18.03
CA LYS A 117 -30.48 -2.67 -18.41
C LYS A 117 -30.98 -2.74 -19.84
N ASN A 118 -32.30 -2.87 -20.01
CA ASN A 118 -32.97 -2.84 -21.30
C ASN A 118 -32.33 -3.81 -22.30
N GLY A 119 -32.51 -5.09 -22.02
CA GLY A 119 -32.06 -6.14 -22.92
C GLY A 119 -30.59 -6.51 -22.76
N GLY A 120 -29.75 -5.52 -22.42
CA GLY A 120 -28.34 -5.74 -22.22
C GLY A 120 -27.98 -5.85 -20.75
N TYR A 121 -26.67 -5.79 -20.49
CA TYR A 121 -26.16 -5.94 -19.14
C TYR A 121 -25.05 -4.93 -18.89
N VAL A 122 -24.91 -4.55 -17.62
CA VAL A 122 -23.91 -3.59 -17.17
C VAL A 122 -23.20 -4.17 -15.96
N VAL A 123 -22.06 -3.57 -15.62
CA VAL A 123 -21.38 -3.84 -14.35
C VAL A 123 -21.63 -2.60 -13.49
N SER A 124 -22.67 -2.68 -12.66
CA SER A 124 -23.02 -1.56 -11.80
C SER A 124 -22.04 -1.46 -10.63
N ILE A 125 -22.08 -0.33 -9.94
CA ILE A 125 -21.34 -0.18 -8.70
C ILE A 125 -22.02 -1.01 -7.62
N ASN A 126 -21.23 -1.81 -6.90
CA ASN A 126 -21.75 -2.61 -5.80
C ASN A 126 -21.99 -1.69 -4.60
N MET A 127 -23.26 -1.42 -4.30
CA MET A 127 -23.63 -0.54 -3.20
C MET A 127 -23.95 -1.30 -1.92
N THR A 128 -23.56 -2.57 -1.83
CA THR A 128 -23.81 -3.34 -0.61
C THR A 128 -23.24 -2.70 0.65
N PRO A 129 -22.05 -2.07 0.64
CA PRO A 129 -21.62 -1.34 1.86
C PRO A 129 -22.61 -0.28 2.29
N ILE A 130 -23.27 0.40 1.35
CA ILE A 130 -24.27 1.39 1.72
C ILE A 130 -25.53 0.70 2.23
N ASP A 131 -25.91 -0.43 1.63
CA ASP A 131 -27.09 -1.16 2.07
C ASP A 131 -26.89 -1.73 3.47
N ASN A 132 -25.67 -2.18 3.78
CA ASN A 132 -25.37 -2.64 5.13
C ASN A 132 -25.50 -1.52 6.14
N MET A 133 -24.96 -0.34 5.81
CA MET A 133 -25.12 0.82 6.68
C MET A 133 -26.59 1.13 6.93
N LEU A 134 -27.43 1.01 5.89
CA LEU A 134 -28.84 1.34 6.04
C LEU A 134 -29.57 0.35 6.95
N LYS A 135 -29.26 -0.94 6.83
CA LYS A 135 -29.90 -1.92 7.72
C LYS A 135 -29.41 -1.77 9.15
N SER A 136 -28.13 -1.42 9.33
CA SER A 136 -27.63 -1.16 10.68
C SER A 136 -28.30 0.06 11.29
N LEU A 137 -28.50 1.11 10.49
CA LEU A 137 -29.23 2.29 10.95
C LEU A 137 -30.67 1.93 11.29
N ASP A 138 -31.33 1.14 10.43
CA ASP A 138 -32.70 0.73 10.70
C ASP A 138 -32.80 -0.05 12.01
N ASN A 139 -31.77 -0.82 12.34
CA ASN A 139 -31.75 -1.57 13.59
C ASN A 139 -31.73 -0.67 14.81
N LEU A 140 -31.25 0.58 14.67
CA LEU A 140 -31.23 1.51 15.79
C LEU A 140 -32.63 1.97 16.18
N GLY A 141 -33.58 1.95 15.25
CA GLY A 141 -34.94 2.34 15.58
C GLY A 141 -35.10 3.85 15.66
N GLY A 142 -35.88 4.30 16.63
CA GLY A 142 -36.11 5.72 16.81
C GLY A 142 -37.09 6.29 15.81
N ASN A 143 -37.22 7.61 15.84
CA ASN A 143 -38.16 8.34 14.98
C ASN A 143 -37.50 9.65 14.56
N GLY A 144 -36.73 9.61 13.48
CA GLY A 144 -36.03 10.79 13.00
C GLY A 144 -34.73 11.05 13.72
N GLU A 145 -34.72 10.78 15.03
CA GLU A 145 -33.56 11.02 15.88
C GLU A 145 -33.56 10.02 17.01
N VAL A 146 -32.39 9.46 17.32
CA VAL A 146 -32.25 8.41 18.33
C VAL A 146 -31.18 8.83 19.32
N VAL A 147 -31.39 8.51 20.59
CA VAL A 147 -30.40 8.70 21.63
C VAL A 147 -29.81 7.34 21.96
N LEU A 148 -28.49 7.21 21.87
CA LEU A 148 -27.80 5.97 22.11
C LEU A 148 -26.83 6.11 23.27
N ASP A 149 -26.79 5.11 24.14
CA ASP A 149 -25.74 5.04 25.14
C ASP A 149 -24.37 4.92 24.46
N ASN A 150 -23.33 5.17 25.25
CA ASN A 150 -21.97 5.15 24.69
C ASN A 150 -21.63 3.78 24.12
N ALA A 151 -22.04 2.71 24.80
CA ALA A 151 -21.75 1.37 24.32
C ALA A 151 -22.44 1.10 22.99
N LYS A 152 -23.70 1.52 22.84
CA LYS A 152 -24.43 1.29 21.60
C LYS A 152 -23.86 2.12 20.46
N TYR A 153 -23.47 3.36 20.75
CA TYR A 153 -22.89 4.21 19.71
C TYR A 153 -21.55 3.67 19.24
N GLN A 154 -20.72 3.17 20.16
CA GLN A 154 -19.41 2.67 19.76
C GLN A 154 -19.53 1.38 18.94
N ALA A 155 -20.49 0.52 19.28
CA ALA A 155 -20.72 -0.67 18.46
C ALA A 155 -21.20 -0.29 17.06
N TRP A 156 -22.18 0.62 16.99
CA TRP A 156 -22.67 1.05 15.68
C TRP A 156 -21.57 1.73 14.87
N ASN A 157 -20.77 2.59 15.51
CA ASN A 157 -19.74 3.30 14.77
C ASN A 157 -18.67 2.36 14.23
N ALA A 158 -18.34 1.30 14.97
CA ALA A 158 -17.36 0.34 14.49
C ALA A 158 -17.85 -0.35 13.22
N GLY A 159 -19.13 -0.72 13.17
CA GLY A 159 -19.66 -1.31 11.95
C GLY A 159 -19.72 -0.32 10.81
N PHE A 160 -20.07 0.94 11.12
CA PHE A 160 -20.03 1.99 10.10
C PHE A 160 -18.62 2.19 9.58
N SER A 161 -17.64 2.22 10.49
CA SER A 161 -16.25 2.36 10.07
C SER A 161 -15.80 1.21 9.18
N ALA A 162 -16.22 -0.03 9.48
CA ALA A 162 -15.77 -1.17 8.69
C ALA A 162 -16.27 -1.06 7.25
N GLU A 163 -17.52 -0.65 7.05
CA GLU A 163 -18.03 -0.51 5.70
C GLU A 163 -17.36 0.65 4.96
N ASP A 164 -17.02 1.72 5.69
CA ASP A 164 -16.23 2.80 5.11
C ASP A 164 -14.88 2.28 4.64
N GLU A 165 -14.20 1.51 5.49
CA GLU A 165 -12.89 0.94 5.11
C GLU A 165 -13.02 -0.03 3.96
N THR A 166 -14.16 -0.71 3.84
CA THR A 166 -14.37 -1.60 2.69
C THR A 166 -14.32 -0.84 1.39
N MET A 167 -15.04 0.29 1.31
CA MET A 167 -15.00 1.11 0.11
C MET A 167 -13.63 1.74 -0.10
N LYS A 168 -13.01 2.22 0.99
CA LYS A 168 -11.68 2.82 0.89
C LYS A 168 -10.67 1.83 0.32
N ASN A 169 -10.67 0.60 0.84
CA ASN A 169 -9.75 -0.41 0.34
C ASN A 169 -10.12 -0.82 -1.09
N ASN A 170 -11.42 -0.93 -1.38
CA ASN A 170 -11.85 -1.19 -2.75
C ASN A 170 -11.28 -0.16 -3.72
N LEU A 171 -11.29 1.11 -3.33
CA LEU A 171 -10.80 2.15 -4.22
C LEU A 171 -9.28 2.04 -4.41
N GLN A 172 -8.55 1.79 -3.32
CA GLN A 172 -7.10 1.79 -3.42
C GLN A 172 -6.59 0.60 -4.22
N THR A 173 -7.23 -0.56 -4.10
CA THR A 173 -6.84 -1.69 -4.96
C THR A 173 -7.11 -1.36 -6.43
N LEU A 174 -8.23 -0.70 -6.71
CA LEU A 174 -8.55 -0.30 -8.08
C LEU A 174 -7.51 0.69 -8.61
N VAL A 175 -7.17 1.69 -7.81
CA VAL A 175 -6.19 2.69 -8.22
C VAL A 175 -4.82 2.05 -8.41
N GLN A 176 -4.44 1.13 -7.53
CA GLN A 176 -3.12 0.51 -7.63
C GLN A 176 -3.00 -0.34 -8.89
N LYS A 177 -4.06 -1.06 -9.26
CA LYS A 177 -4.01 -1.86 -10.47
C LYS A 177 -4.00 -0.99 -11.72
N TYR A 178 -4.75 0.11 -11.69
CA TYR A 178 -4.71 1.07 -12.80
C TYR A 178 -3.32 1.67 -12.95
N SER A 179 -2.68 2.01 -11.84
CA SER A 179 -1.32 2.54 -11.89
C SER A 179 -0.34 1.51 -12.43
N ASN A 180 -0.47 0.26 -12.00
CA ASN A 180 0.43 -0.79 -12.48
C ASN A 180 0.26 -1.04 -13.97
N ALA A 181 -0.99 -1.10 -14.43
CA ALA A 181 -1.23 -1.29 -15.86
C ALA A 181 -0.72 -0.11 -16.67
N ASN A 182 -0.82 1.11 -16.14
CA ASN A 182 -0.26 2.27 -16.81
C ASN A 182 1.26 2.19 -16.90
N SER A 183 1.90 1.65 -15.87
CA SER A 183 3.35 1.49 -15.92
C SER A 183 3.76 0.40 -16.91
N ILE A 184 2.93 -0.64 -17.06
CA ILE A 184 3.17 -1.62 -18.13
C ILE A 184 3.11 -0.93 -19.49
N PHE A 185 2.10 -0.07 -19.68
CA PHE A 185 1.98 0.69 -20.92
C PHE A 185 3.22 1.54 -21.17
N ASP A 186 3.66 2.27 -20.14
CA ASP A 186 4.81 3.15 -20.30
C ASP A 186 6.06 2.39 -20.68
N ASN A 187 6.29 1.23 -20.03
CA ASN A 187 7.47 0.44 -20.37
C ASN A 187 7.35 -0.18 -21.75
N LEU A 188 6.14 -0.54 -22.17
CA LEU A 188 5.94 -1.04 -23.52
C LEU A 188 6.23 0.05 -24.55
N VAL A 189 5.87 1.29 -24.24
CA VAL A 189 6.19 2.42 -25.11
C VAL A 189 7.71 2.62 -25.18
N LYS A 190 8.41 2.46 -24.05
CA LYS A 190 9.87 2.54 -24.06
C LYS A 190 10.47 1.48 -24.96
N VAL A 191 9.89 0.28 -24.96
CA VAL A 191 10.37 -0.78 -25.85
C VAL A 191 10.18 -0.38 -27.31
N LEU A 192 8.97 0.08 -27.66
CA LEU A 192 8.70 0.48 -29.04
C LEU A 192 9.62 1.61 -29.47
N SER A 193 9.80 2.61 -28.62
CA SER A 193 10.66 3.75 -28.96
C SER A 193 12.11 3.30 -29.18
N SER A 194 12.57 2.32 -28.41
CA SER A 194 13.95 1.86 -28.55
C SER A 194 14.15 1.07 -29.84
N THR A 195 13.20 0.19 -30.18
CA THR A 195 13.36 -0.61 -31.39
C THR A 195 13.25 0.26 -32.64
N ILE A 196 12.45 1.32 -32.60
CA ILE A 196 12.32 2.20 -33.76
C ILE A 196 13.63 2.96 -34.01
N SER A 197 14.25 3.47 -32.94
CA SER A 197 15.46 4.26 -33.10
C SER A 197 16.67 3.38 -33.44
N SER A 198 16.63 2.11 -33.08
CA SER A 198 17.71 1.19 -33.39
C SER A 198 17.74 0.84 -34.88
N ASP B 4 15.31 -0.28 -41.43
CA ASP B 4 16.59 -0.98 -41.50
C ASP B 4 16.44 -2.31 -42.23
N GLN B 5 17.38 -3.23 -41.96
CA GLN B 5 17.36 -4.54 -42.60
C GLN B 5 16.50 -5.51 -41.82
N MET B 6 16.81 -6.80 -41.92
CA MET B 6 16.06 -7.83 -41.23
C MET B 6 16.71 -8.18 -39.89
N ILE B 7 15.93 -8.81 -39.02
CA ILE B 7 16.41 -9.33 -37.75
C ILE B 7 16.00 -10.80 -37.65
N SER B 8 16.94 -11.64 -37.24
CA SER B 8 16.69 -13.08 -37.21
C SER B 8 15.96 -13.47 -35.94
N HIS B 9 15.42 -14.69 -35.94
CA HIS B 9 14.70 -15.21 -34.79
C HIS B 9 15.64 -15.40 -33.60
N ARG B 10 16.88 -15.82 -33.87
CA ARG B 10 17.82 -16.07 -32.79
C ARG B 10 18.25 -14.78 -32.10
N GLU B 11 18.59 -13.75 -32.89
CA GLU B 11 18.99 -12.49 -32.28
C GLU B 11 17.81 -11.79 -31.62
N LEU B 12 16.59 -12.01 -32.11
CA LEU B 12 15.42 -11.45 -31.45
C LEU B 12 15.25 -12.03 -30.05
N TRP B 13 15.30 -13.35 -29.94
CA TRP B 13 15.15 -13.99 -28.63
C TRP B 13 16.38 -13.85 -27.75
N ALA B 14 17.56 -13.66 -28.33
CA ALA B 14 18.73 -13.35 -27.52
C ALA B 14 18.60 -11.99 -26.85
N LYS B 15 18.05 -11.01 -27.58
CA LYS B 15 17.80 -9.70 -26.98
C LYS B 15 16.78 -9.81 -25.85
N ILE B 16 15.77 -10.66 -26.03
CA ILE B 16 14.72 -10.78 -25.01
C ILE B 16 15.23 -11.53 -23.80
N ALA B 17 15.99 -12.61 -24.01
CA ALA B 17 16.58 -13.33 -22.89
C ALA B 17 17.51 -12.43 -22.09
N ASN B 18 18.24 -11.54 -22.77
CA ASN B 18 19.09 -10.59 -22.06
C ASN B 18 18.26 -9.58 -21.29
N SER B 19 17.15 -9.12 -21.87
CA SER B 19 16.27 -8.19 -21.17
C SER B 19 15.60 -8.85 -19.97
N ILE B 20 15.25 -10.13 -20.10
CA ILE B 20 14.67 -10.86 -18.97
C ILE B 20 15.67 -10.92 -17.82
N ASN B 21 16.95 -11.16 -18.13
CA ASN B 21 17.96 -11.19 -17.08
C ASN B 21 18.14 -9.81 -16.44
N ASP B 22 18.10 -8.75 -17.24
CA ASP B 22 18.23 -7.41 -16.69
C ASP B 22 17.05 -7.05 -15.80
N ILE B 23 15.84 -7.48 -16.20
CA ILE B 23 14.67 -7.24 -15.37
C ILE B 23 14.74 -8.03 -14.09
N ASN B 24 15.21 -9.29 -14.17
CA ASN B 24 15.32 -10.13 -12.97
C ASN B 24 16.31 -9.53 -11.98
N GLU B 25 17.45 -9.04 -12.46
CA GLU B 25 18.41 -8.38 -11.58
C GLU B 25 17.82 -7.12 -10.95
N TYR B 26 16.97 -6.40 -11.69
CA TYR B 26 16.31 -5.23 -11.14
C TYR B 26 15.34 -5.59 -10.03
N LEU B 27 14.56 -6.65 -10.24
CA LEU B 27 13.61 -7.08 -9.20
C LEU B 27 14.32 -7.70 -8.02
N LYS B 28 15.46 -8.36 -8.24
CA LYS B 28 16.22 -8.92 -7.13
C LYS B 28 16.76 -7.85 -6.18
N VAL B 29 16.92 -6.61 -6.65
CA VAL B 29 17.35 -5.53 -5.78
C VAL B 29 16.27 -5.21 -4.75
N TYR B 30 15.03 -5.10 -5.21
CA TYR B 30 13.92 -4.93 -4.28
C TYR B 30 13.80 -6.11 -3.34
N GLU B 31 13.93 -7.34 -3.87
CA GLU B 31 13.77 -8.53 -3.04
C GLU B 31 14.81 -8.57 -1.94
N HIS B 32 16.06 -8.22 -2.25
CA HIS B 32 17.10 -8.25 -1.22
C HIS B 32 16.92 -7.12 -0.22
N ALA B 33 16.51 -5.94 -0.69
CA ALA B 33 16.24 -4.84 0.22
C ALA B 33 15.13 -5.20 1.20
N VAL B 34 14.07 -5.86 0.70
CA VAL B 34 12.99 -6.30 1.58
C VAL B 34 13.49 -7.32 2.60
N SER B 35 14.29 -8.29 2.14
CA SER B 35 14.78 -9.33 3.04
C SER B 35 15.73 -8.77 4.09
N SER B 36 16.58 -7.82 3.70
CA SER B 36 17.52 -7.23 4.65
C SER B 36 16.80 -6.40 5.69
N TYR B 37 15.85 -5.56 5.26
CA TYR B 37 15.12 -4.74 6.22
C TYR B 37 14.18 -5.57 7.08
N THR B 38 13.62 -6.65 6.52
CA THR B 38 12.78 -7.54 7.32
C THR B 38 13.56 -8.17 8.46
N GLN B 39 14.76 -8.67 8.17
CA GLN B 39 15.57 -9.32 9.19
C GLN B 39 15.94 -8.34 10.29
N MET B 40 16.31 -7.11 9.93
CA MET B 40 16.64 -6.10 10.92
C MET B 40 15.45 -5.74 11.79
N TYR B 41 14.27 -5.58 11.18
CA TYR B 41 13.09 -5.25 11.96
C TYR B 41 12.70 -6.40 12.89
N GLN B 42 12.80 -7.64 12.41
CA GLN B 42 12.55 -8.79 13.29
C GLN B 42 13.52 -8.80 14.46
N ASP B 43 14.80 -8.53 14.19
CA ASP B 43 15.77 -8.44 15.28
C ASP B 43 15.42 -7.32 16.25
N PHE B 44 14.96 -6.18 15.72
CA PHE B 44 14.60 -5.07 16.59
C PHE B 44 13.35 -5.40 17.42
N SER B 45 12.35 -6.02 16.79
CA SER B 45 11.12 -6.36 17.51
C SER B 45 11.39 -7.30 18.68
N ALA B 46 12.36 -8.20 18.53
CA ALA B 46 12.73 -9.07 19.64
C ALA B 46 13.36 -8.28 20.78
N VAL B 47 13.98 -7.14 20.47
CA VAL B 47 14.52 -6.29 21.53
C VAL B 47 13.40 -5.58 22.28
N LEU B 48 12.39 -5.11 21.56
CA LEU B 48 11.27 -4.44 22.21
C LEU B 48 10.46 -5.41 23.06
N SER B 49 10.22 -6.63 22.56
CA SER B 49 9.51 -7.62 23.36
C SER B 49 10.33 -8.09 24.56
N SER B 50 11.64 -7.93 24.53
CA SER B 50 12.49 -8.23 25.67
C SER B 50 12.47 -7.13 26.73
N LEU B 51 11.95 -5.95 26.39
CA LEU B 51 11.98 -4.83 27.32
C LEU B 51 11.22 -5.12 28.60
N ALA B 52 10.11 -5.86 28.51
CA ALA B 52 9.31 -6.17 29.69
C ALA B 52 10.12 -6.88 30.75
N GLY B 53 11.07 -7.73 30.34
CA GLY B 53 11.93 -8.40 31.29
C GLY B 53 13.12 -7.59 31.75
N TRP B 54 13.31 -6.39 31.20
CA TRP B 54 14.44 -5.53 31.56
C TRP B 54 14.01 -4.35 32.42
N ILE B 55 12.80 -4.40 32.99
CA ILE B 55 12.30 -3.36 33.89
C ILE B 55 11.74 -4.01 35.14
N SER B 56 11.76 -3.27 36.24
CA SER B 56 11.31 -3.75 37.54
C SER B 56 10.86 -2.57 38.35
N PRO B 57 10.11 -2.77 39.45
CA PRO B 57 9.68 -1.66 40.28
C PRO B 57 10.85 -0.87 40.84
N GLY B 58 10.68 0.46 40.91
CA GLY B 58 11.78 1.34 41.22
C GLY B 58 11.77 1.97 42.60
N GLY B 59 10.92 2.96 42.82
CA GLY B 59 10.90 3.68 44.09
C GLY B 59 10.43 2.79 45.23
N ASN B 60 10.51 3.35 46.45
CA ASN B 60 10.02 2.63 47.61
C ASN B 60 8.49 2.61 47.63
N ASP B 61 7.85 3.66 47.12
CA ASP B 61 6.42 3.58 46.83
C ASP B 61 6.14 2.52 45.79
N GLY B 62 7.14 2.14 44.99
CA GLY B 62 7.03 1.06 44.05
C GLY B 62 6.48 1.43 42.69
N ASN B 63 6.14 2.69 42.48
CA ASN B 63 5.50 3.15 41.24
C ASN B 63 6.48 3.85 40.30
N SER B 64 7.78 3.82 40.62
CA SER B 64 8.80 4.16 39.65
C SER B 64 9.28 2.89 38.95
N VAL B 65 10.01 3.06 37.85
CA VAL B 65 10.44 1.95 37.00
C VAL B 65 11.97 1.98 36.93
N LYS B 66 12.60 0.88 37.31
CA LYS B 66 14.04 0.71 37.16
C LYS B 66 14.34 0.06 35.83
N LEU B 67 15.08 0.76 34.97
CA LEU B 67 15.35 0.30 33.61
C LEU B 67 16.76 -0.28 33.54
N GLN B 68 16.88 -1.50 33.02
CA GLN B 68 18.17 -2.15 32.86
C GLN B 68 18.83 -1.61 31.59
N VAL B 69 19.43 -0.43 31.73
CA VAL B 69 19.88 0.33 30.57
C VAL B 69 21.03 -0.38 29.85
N ASN B 70 21.94 -1.00 30.61
CA ASN B 70 23.09 -1.65 29.99
C ASN B 70 22.67 -2.88 29.20
N SER B 71 21.64 -3.59 29.66
CA SER B 71 21.12 -4.72 28.88
C SER B 71 20.50 -4.24 27.58
N LEU B 72 19.74 -3.16 27.63
CA LEU B 72 19.07 -2.66 26.43
C LEU B 72 20.06 -2.09 25.43
N LYS B 73 21.07 -1.34 25.89
CA LYS B 73 22.05 -0.77 24.96
C LYS B 73 22.91 -1.86 24.32
N LYS B 74 23.30 -2.87 25.08
CA LYS B 74 24.08 -3.95 24.50
C LYS B 74 23.30 -4.66 23.40
N ALA B 75 21.99 -4.82 23.59
CA ALA B 75 21.16 -5.46 22.57
C ALA B 75 21.04 -4.57 21.33
N LEU B 76 20.92 -3.26 21.52
CA LEU B 76 20.81 -2.35 20.40
C LEU B 76 22.15 -2.16 19.69
N GLU B 77 23.25 -2.12 20.46
CA GLU B 77 24.57 -1.97 19.84
C GLU B 77 24.94 -3.22 19.03
N GLU B 78 24.60 -4.40 19.54
CA GLU B 78 24.82 -5.61 18.76
C GLU B 78 23.97 -5.62 17.50
N LEU B 79 22.79 -4.99 17.55
CA LEU B 79 21.98 -4.83 16.35
C LEU B 79 22.71 -3.98 15.31
N LYS B 80 23.30 -2.86 15.74
CA LYS B 80 24.02 -1.98 14.82
C LYS B 80 25.19 -2.70 14.17
N GLU B 81 25.99 -3.40 14.98
CA GLU B 81 27.18 -4.06 14.43
C GLU B 81 26.81 -5.21 13.50
N LYS B 82 25.68 -5.89 13.76
CA LYS B 82 25.27 -6.98 12.89
C LYS B 82 24.96 -6.51 11.47
N TYR B 83 24.44 -5.28 11.33
CA TYR B 83 24.04 -4.77 10.02
C TYR B 83 24.97 -3.67 9.51
N LYS B 84 26.14 -3.49 10.13
CA LYS B 84 27.09 -2.50 9.62
C LYS B 84 27.59 -2.87 8.24
N ASP B 85 27.71 -4.16 7.94
CA ASP B 85 28.21 -4.64 6.66
C ASP B 85 27.16 -5.47 5.93
N LYS B 86 25.87 -5.21 6.18
CA LYS B 86 24.76 -5.85 5.48
C LYS B 86 23.95 -4.76 4.79
N PRO B 87 24.36 -4.34 3.60
CA PRO B 87 23.69 -3.21 2.93
C PRO B 87 22.36 -3.60 2.32
N LEU B 88 21.51 -2.59 2.14
CA LEU B 88 20.27 -2.79 1.39
C LEU B 88 20.57 -3.08 -0.07
N TYR B 89 21.57 -2.41 -0.64
CA TYR B 89 21.93 -2.54 -2.05
C TYR B 89 23.35 -2.05 -2.24
N PRO B 90 24.20 -2.77 -3.00
CA PRO B 90 23.84 -4.06 -3.58
C PRO B 90 24.16 -5.22 -2.64
N ALA B 91 23.62 -6.40 -2.93
CA ALA B 91 23.88 -7.56 -2.09
C ALA B 91 25.34 -8.01 -2.20
N ASN B 92 25.96 -7.80 -3.36
CA ASN B 92 27.34 -8.20 -3.59
C ASN B 92 28.12 -7.04 -4.18
N ASN B 93 29.35 -6.86 -3.69
CA ASN B 93 30.26 -5.83 -4.20
C ASN B 93 29.67 -4.43 -4.06
N THR B 94 30.18 -3.48 -4.85
CA THR B 94 29.82 -2.08 -4.71
C THR B 94 29.49 -1.47 -6.06
N VAL B 95 28.98 -0.24 -6.01
CA VAL B 95 28.63 0.54 -7.19
C VAL B 95 29.14 1.96 -6.99
N SER B 96 28.94 2.79 -8.00
CA SER B 96 29.35 4.19 -7.92
C SER B 96 28.49 4.93 -6.90
N GLN B 97 29.00 6.09 -6.45
CA GLN B 97 28.21 6.92 -5.54
C GLN B 97 26.94 7.43 -6.20
N GLU B 98 26.99 7.69 -7.51
CA GLU B 98 25.81 8.17 -8.21
C GLU B 98 24.76 7.06 -8.33
N GLN B 99 25.21 5.83 -8.62
CA GLN B 99 24.28 4.71 -8.69
C GLN B 99 23.66 4.41 -7.34
N ALA B 100 24.45 4.55 -6.26
CA ALA B 100 23.92 4.34 -4.92
C ALA B 100 22.89 5.40 -4.56
N ASN B 101 23.12 6.65 -4.97
CA ASN B 101 22.19 7.73 -4.65
C ASN B 101 20.86 7.54 -5.35
N LYS B 102 20.88 7.05 -6.59
CA LYS B 102 19.64 6.84 -7.32
C LYS B 102 18.80 5.75 -6.66
N TRP B 103 19.42 4.63 -6.28
CA TRP B 103 18.67 3.58 -5.62
C TRP B 103 18.23 3.99 -4.23
N LEU B 104 18.97 4.88 -3.57
CA LEU B 104 18.53 5.38 -2.27
C LEU B 104 17.23 6.15 -2.38
N THR B 105 17.10 7.00 -3.40
CA THR B 105 15.84 7.70 -3.62
C THR B 105 14.74 6.74 -4.07
N GLU B 106 15.10 5.71 -4.84
CA GLU B 106 14.11 4.75 -5.31
C GLU B 106 13.54 3.93 -4.16
N LEU B 107 14.31 3.71 -3.11
CA LEU B 107 13.86 2.89 -1.98
C LEU B 107 13.28 3.70 -0.84
N GLY B 108 13.73 4.93 -0.65
CA GLY B 108 13.29 5.74 0.48
C GLY B 108 14.44 6.34 1.24
N GLY B 109 14.48 7.67 1.33
CA GLY B 109 15.64 8.34 1.91
C GLY B 109 15.89 8.00 3.36
N THR B 110 14.82 7.74 4.12
CA THR B 110 14.94 7.42 5.53
C THR B 110 15.07 5.91 5.79
N ILE B 111 14.99 5.10 4.73
CA ILE B 111 15.14 3.66 4.89
C ILE B 111 16.59 3.21 4.67
N GLY B 112 17.32 3.89 3.79
CA GLY B 112 18.72 3.61 3.54
C GLY B 112 19.60 4.82 3.80
N LYS B 113 20.91 4.59 3.62
CA LYS B 113 21.91 5.65 3.77
C LYS B 113 23.15 5.24 2.98
N VAL B 114 23.67 6.17 2.18
CA VAL B 114 24.82 5.87 1.33
C VAL B 114 26.08 5.88 2.19
N SER B 115 26.88 4.81 2.06
CA SER B 115 28.16 4.71 2.74
C SER B 115 29.18 4.10 1.78
N GLN B 116 30.43 4.05 2.23
CA GLN B 116 31.52 3.57 1.39
C GLN B 116 31.91 2.15 1.74
N LYS B 117 32.47 1.45 0.76
CA LYS B 117 32.95 0.09 0.93
C LYS B 117 33.87 -0.31 -0.22
N ASN B 118 35.08 -0.78 0.09
CA ASN B 118 36.02 -1.33 -0.90
C ASN B 118 36.28 -0.36 -2.05
N GLY B 119 36.36 0.93 -1.74
CA GLY B 119 36.57 1.94 -2.74
C GLY B 119 35.34 2.33 -3.54
N GLY B 120 34.23 1.60 -3.38
CA GLY B 120 32.97 1.96 -3.97
C GLY B 120 31.97 2.45 -2.94
N TYR B 121 30.70 2.36 -3.30
CA TYR B 121 29.62 2.86 -2.46
C TYR B 121 28.47 1.87 -2.43
N VAL B 122 27.77 1.84 -1.30
CA VAL B 122 26.60 0.97 -1.10
C VAL B 122 25.51 1.78 -0.43
N VAL B 123 24.31 1.23 -0.43
CA VAL B 123 23.17 1.80 0.29
C VAL B 123 22.99 0.99 1.57
N SER B 124 23.48 1.52 2.68
CA SER B 124 23.36 0.83 3.96
C SER B 124 21.93 0.95 4.48
N ILE B 125 21.60 0.08 5.44
CA ILE B 125 20.36 0.23 6.18
C ILE B 125 20.47 1.44 7.09
N ASN B 126 19.50 2.36 6.99
CA ASN B 126 19.49 3.53 7.85
C ASN B 126 19.19 3.11 9.29
N MET B 127 20.16 3.33 10.18
CA MET B 127 20.06 2.93 11.57
C MET B 127 19.63 4.09 12.47
N THR B 128 19.13 5.18 11.90
CA THR B 128 18.65 6.31 12.69
C THR B 128 17.65 5.89 13.77
N PRO B 129 16.67 5.02 13.52
CA PRO B 129 15.80 4.58 14.63
C PRO B 129 16.56 3.91 15.77
N ILE B 130 17.63 3.17 15.47
CA ILE B 130 18.43 2.56 16.52
C ILE B 130 19.30 3.60 17.21
N ASP B 131 19.88 4.53 16.42
CA ASP B 131 20.68 5.60 17.01
C ASP B 131 19.84 6.50 17.91
N ASN B 132 18.57 6.71 17.55
CA ASN B 132 17.71 7.59 18.33
C ASN B 132 17.43 7.01 19.71
N MET B 133 17.28 5.69 19.81
CA MET B 133 17.02 5.08 21.11
C MET B 133 18.29 4.91 21.92
N LEU B 134 19.42 4.67 21.27
CA LEU B 134 20.70 4.69 21.99
C LEU B 134 20.97 6.07 22.55
N LYS B 135 20.59 7.12 21.82
CA LYS B 135 20.74 8.48 22.30
C LYS B 135 19.79 8.77 23.45
N SER B 136 18.54 8.32 23.35
CA SER B 136 17.58 8.52 24.43
C SER B 136 18.03 7.83 25.72
N LEU B 137 18.65 6.65 25.59
CA LEU B 137 19.09 5.91 26.76
C LEU B 137 20.27 6.58 27.45
N ASP B 138 21.17 7.20 26.66
CA ASP B 138 22.31 7.88 27.27
C ASP B 138 21.88 9.19 27.92
N ASN B 139 20.81 9.82 27.45
CA ASN B 139 20.30 11.03 28.08
C ASN B 139 19.50 10.74 29.34
N LEU B 140 19.27 9.46 29.67
CA LEU B 140 18.66 9.11 30.94
C LEU B 140 19.64 9.20 32.10
N GLY B 141 20.95 9.21 31.83
CA GLY B 141 21.97 9.23 32.85
C GLY B 141 22.16 7.86 33.47
N GLY B 142 22.49 7.82 34.76
CA GLY B 142 22.37 6.60 35.53
C GLY B 142 23.64 5.77 35.61
N ASN B 143 23.53 4.72 36.42
CA ASN B 143 24.65 3.84 36.75
C ASN B 143 24.50 2.48 36.06
N GLY B 144 24.25 2.49 34.75
CA GLY B 144 23.92 1.26 34.07
C GLY B 144 22.48 0.86 34.30
N GLU B 145 21.94 1.27 35.45
CA GLU B 145 20.53 1.15 35.78
C GLU B 145 20.01 2.51 36.19
N VAL B 146 18.85 2.87 35.65
CA VAL B 146 18.22 4.16 35.91
C VAL B 146 16.84 3.91 36.51
N VAL B 147 16.46 4.76 37.47
CA VAL B 147 15.13 4.75 38.06
C VAL B 147 14.38 5.96 37.52
N LEU B 148 13.32 5.71 36.78
CA LEU B 148 12.49 6.76 36.20
C LEU B 148 11.14 6.79 36.92
N ASP B 149 10.64 8.00 37.18
CA ASP B 149 9.27 8.11 37.66
C ASP B 149 8.30 7.65 36.57
N ASN B 150 7.07 7.33 36.99
CA ASN B 150 6.12 6.71 36.08
C ASN B 150 5.86 7.57 34.86
N ALA B 151 5.75 8.89 35.05
CA ALA B 151 5.51 9.78 33.92
C ALA B 151 6.68 9.78 32.95
N LYS B 152 7.91 9.69 33.48
CA LYS B 152 9.08 9.71 32.61
C LYS B 152 9.26 8.39 31.87
N TYR B 153 8.95 7.26 32.52
CA TYR B 153 9.06 5.98 31.83
C TYR B 153 8.07 5.88 30.68
N GLN B 154 6.81 6.24 30.92
CA GLN B 154 5.81 6.21 29.86
C GLN B 154 6.18 7.12 28.70
N ALA B 155 6.81 8.27 29.00
CA ALA B 155 7.27 9.15 27.93
C ALA B 155 8.40 8.49 27.13
N TRP B 156 9.38 7.93 27.83
CA TRP B 156 10.47 7.23 27.12
C TRP B 156 9.95 6.00 26.39
N ASN B 157 9.06 5.24 27.03
CA ASN B 157 8.51 4.04 26.41
C ASN B 157 7.74 4.39 25.14
N ALA B 158 6.96 5.47 25.17
CA ALA B 158 6.21 5.88 23.99
C ALA B 158 7.14 6.27 22.85
N GLY B 159 8.31 6.84 23.16
CA GLY B 159 9.28 7.14 22.13
C GLY B 159 9.89 5.87 21.55
N PHE B 160 10.09 4.85 22.38
CA PHE B 160 10.56 3.56 21.89
C PHE B 160 9.53 2.94 20.95
N SER B 161 8.25 3.01 21.31
CA SER B 161 7.21 2.42 20.46
C SER B 161 7.02 3.23 19.18
N ALA B 162 7.28 4.54 19.22
CA ALA B 162 7.16 5.34 18.00
C ALA B 162 8.24 4.97 16.98
N GLU B 163 9.46 4.70 17.45
CA GLU B 163 10.51 4.25 16.54
C GLU B 163 10.19 2.87 15.98
N ASP B 164 9.56 2.01 16.78
CA ASP B 164 9.12 0.71 16.28
C ASP B 164 8.10 0.87 15.16
N GLU B 165 7.17 1.81 15.31
CA GLU B 165 6.15 2.02 14.29
C GLU B 165 6.75 2.58 13.00
N THR B 166 7.77 3.45 13.13
CA THR B 166 8.42 4.00 11.95
C THR B 166 9.05 2.89 11.10
N MET B 167 9.77 1.98 11.76
CA MET B 167 10.40 0.88 11.03
C MET B 167 9.36 -0.05 10.43
N LYS B 168 8.30 -0.35 11.17
CA LYS B 168 7.26 -1.23 10.65
C LYS B 168 6.59 -0.61 9.43
N ASN B 169 6.32 0.69 9.47
CA ASN B 169 5.72 1.35 8.30
C ASN B 169 6.72 1.43 7.15
N ASN B 170 8.00 1.61 7.44
CA ASN B 170 9.01 1.58 6.38
C ASN B 170 9.03 0.24 5.66
N LEU B 171 8.93 -0.85 6.42
CA LEU B 171 8.97 -2.19 5.82
C LEU B 171 7.77 -2.40 4.91
N GLN B 172 6.57 -2.06 5.39
CA GLN B 172 5.37 -2.24 4.58
C GLN B 172 5.43 -1.41 3.31
N THR B 173 5.99 -0.20 3.39
CA THR B 173 6.16 0.61 2.19
C THR B 173 7.09 -0.08 1.20
N LEU B 174 8.19 -0.66 1.70
CA LEU B 174 9.12 -1.37 0.82
C LEU B 174 8.49 -2.63 0.25
N VAL B 175 7.72 -3.35 1.07
CA VAL B 175 7.04 -4.56 0.58
C VAL B 175 6.07 -4.20 -0.54
N GLN B 176 5.38 -3.06 -0.40
CA GLN B 176 4.43 -2.64 -1.42
C GLN B 176 5.14 -2.25 -2.72
N LYS B 177 6.28 -1.57 -2.62
CA LYS B 177 7.03 -1.21 -3.83
C LYS B 177 7.52 -2.45 -4.55
N TYR B 178 7.93 -3.48 -3.80
CA TYR B 178 8.39 -4.72 -4.42
C TYR B 178 7.25 -5.44 -5.12
N SER B 179 6.10 -5.55 -4.46
CA SER B 179 4.96 -6.24 -5.05
C SER B 179 4.48 -5.54 -6.32
N ASN B 180 4.50 -4.21 -6.34
CA ASN B 180 4.10 -3.48 -7.54
C ASN B 180 5.10 -3.68 -8.66
N ALA B 181 6.40 -3.56 -8.36
CA ALA B 181 7.42 -3.80 -9.37
C ALA B 181 7.33 -5.22 -9.91
N ASN B 182 7.03 -6.18 -9.04
CA ASN B 182 6.92 -7.58 -9.47
C ASN B 182 5.81 -7.76 -10.49
N SER B 183 4.60 -7.27 -10.17
CA SER B 183 3.48 -7.49 -11.07
C SER B 183 3.63 -6.70 -12.37
N ILE B 184 4.26 -5.53 -12.31
CA ILE B 184 4.46 -4.73 -13.53
C ILE B 184 5.37 -5.48 -14.50
N PHE B 185 6.52 -5.94 -14.02
CA PHE B 185 7.52 -6.50 -14.92
C PHE B 185 7.30 -7.99 -15.19
N ASP B 186 6.63 -8.72 -14.28
CA ASP B 186 6.19 -10.06 -14.64
C ASP B 186 5.23 -10.02 -15.82
N ASN B 187 4.27 -9.09 -15.80
CA ASN B 187 3.29 -9.02 -16.88
C ASN B 187 3.88 -8.38 -18.14
N LEU B 188 4.85 -7.47 -17.99
CA LEU B 188 5.53 -6.94 -19.16
C LEU B 188 6.25 -8.05 -19.92
N VAL B 189 6.95 -8.93 -19.21
CA VAL B 189 7.62 -10.06 -19.87
C VAL B 189 6.61 -10.96 -20.54
N LYS B 190 5.49 -11.24 -19.86
CA LYS B 190 4.44 -12.07 -20.45
C LYS B 190 3.89 -11.44 -21.72
N VAL B 191 3.64 -10.13 -21.70
CA VAL B 191 3.18 -9.43 -22.88
C VAL B 191 4.22 -9.53 -23.99
N LEU B 192 5.47 -9.17 -23.68
CA LEU B 192 6.51 -9.14 -24.71
C LEU B 192 6.73 -10.52 -25.32
N SER B 193 6.75 -11.56 -24.50
CA SER B 193 6.92 -12.92 -25.04
C SER B 193 5.72 -13.33 -25.88
N SER B 194 4.52 -12.92 -25.48
CA SER B 194 3.30 -13.37 -26.17
C SER B 194 3.19 -12.78 -27.56
N THR B 195 3.72 -11.59 -27.78
CA THR B 195 3.43 -10.85 -29.00
C THR B 195 4.46 -11.03 -30.10
N ILE B 196 5.67 -11.49 -29.77
CA ILE B 196 6.59 -11.93 -30.82
C ILE B 196 6.52 -13.43 -31.06
N SER B 197 5.92 -14.19 -30.14
CA SER B 197 5.66 -15.61 -30.38
C SER B 197 4.50 -15.81 -31.35
N SER B 198 3.64 -14.81 -31.54
CA SER B 198 2.48 -14.95 -32.39
C SER B 198 2.34 -13.75 -33.32
C1 DXC C . 14.11 -0.96 -23.18
C2 DXC C . 14.50 -2.27 -22.47
C3 DXC C . 13.25 -2.84 -21.44
C4 DXC C . 12.82 -1.93 -20.59
C5 DXC C . 12.53 -0.47 -21.30
C6 DXC C . 13.74 0.03 -22.25
C7 DXC C . 13.64 -3.82 -20.92
C8 DXC C . 14.79 -3.47 -19.70
C9 DXC C . 14.36 -2.63 -18.83
C10 DXC C . 13.92 -1.67 -19.30
C11 DXC C . 15.24 -2.34 -17.93
C12 DXC C . 14.85 -1.34 -16.91
C13 DXC C . 14.31 -0.61 -17.25
C14 DXC C . 13.37 -0.88 -18.37
C15 DXC C . 15.96 -3.48 -17.11
C16 DXC C . 16.64 -2.72 -16.17
C17 DXC C . 16.02 -1.21 -16.24
C18 DXC C . 11.44 -2.41 -19.99
C19 DXC C . 16.06 -0.67 -14.73
O1 DXC C . 15.18 0.49 -17.69
O2 DXC C . 15.25 -0.48 -23.98
C20 DXC C . 13.92 -2.06 -15.89
C21 DXC C . 17.53 -0.81 -14.31
C22 DXC C . 17.77 -0.39 -12.85
C23 DXC C . 19.26 -0.52 -12.56
O3 DXC C . 20.03 0.45 -12.78
O4 DXC C . 19.72 -1.60 -12.11
C24 DXC C . 15.70 0.77 -14.52
C1 DXC D . -7.14 -9.02 -22.68
C2 DXC D . -6.60 -7.58 -22.48
C3 DXC D . -4.94 -7.45 -22.91
C4 DXC D . -4.17 -8.32 -22.27
C5 DXC D . -4.80 -9.86 -22.33
C6 DXC D . -6.36 -9.95 -21.97
C7 DXC D . -4.61 -6.33 -22.72
C8 DXC D . -4.47 -5.97 -21.06
C9 DXC D . -3.71 -6.78 -20.42
C10 DXC D . -3.95 -7.89 -20.62
C11 DXC D . -3.67 -6.52 -19.18
C12 DXC D . -2.90 -7.46 -18.32
C13 DXC D . -2.95 -8.38 -18.58
C14 DXC D . -3.05 -8.69 -20.03
C15 DXC D . -3.27 -5.09 -18.63
C16 DXC D . -3.18 -5.34 -17.26
C17 DXC D . -3.20 -6.96 -17.11
C18 DXC D . -2.75 -8.39 -22.97
C19 DXC D . -2.25 -7.32 -15.86
O1 DXC D . -4.12 -9.00 -17.95
O2 DXC D . -8.52 -9.07 -22.21
C20 DXC D . -1.38 -7.11 -18.48
C21 DXC D . -2.48 -6.25 -14.79
C22 DXC D . -1.65 -6.55 -13.52
C23 DXC D . -2.28 -5.83 -12.34
O3 DXC D . -3.01 -6.47 -11.54
O4 DXC D . -2.07 -4.62 -12.15
C24 DXC D . -2.55 -8.65 -15.23
C1 GOL E . 13.95 -4.25 -26.56
O1 GOL E . 15.12 -3.73 -27.10
C2 GOL E . 13.99 -5.79 -26.78
O2 GOL E . 14.04 -6.48 -25.58
C3 GOL E . 12.70 -6.10 -27.58
O3 GOL E . 12.99 -5.88 -28.93
#